data_6KME
#
_entry.id   6KME
#
_cell.length_a   64.130
_cell.length_b   64.130
_cell.length_c   158.490
_cell.angle_alpha   90.000
_cell.angle_beta   90.000
_cell.angle_gamma   90.000
#
_symmetry.space_group_name_H-M   'P 43 21 2'
#
loop_
_entity.id
_entity.type
_entity.pdbx_description
1 polymer 'Phytochromobilin synthase'
2 non-polymer 'BILIVERDINE IX ALPHA'
3 non-polymer 'MAGNESIUM ION'
4 non-polymer 'CHLORIDE ION'
5 water water
#
_entity_poly.entity_id   1
_entity_poly.type   'polypeptide(L)'
_entity_poly.pdbx_seq_one_letter_code
;MGSSHHHHHHSSGLVPRGSHMSYTENESSGVSYKKLIHFALEETNTHTLLSPSPLQEKYSSLLSMDDKTELQMLSFEAHK
IRLLRSLCIEGSDGMQVLDFAAFPKPEFDLPIFCANFFTTAKMNIIVLDLNPLHDIMDQEDYKEKYYKDLITLGLKYSKL
LPWGGKLTSESLRFFSPIVIWTRFSSSPHNHSVLFSAFKDYYQAWLGLMDRSEGETDASQIACNCEAQHRYLTWRSEKDP
GHGVLKRLIGEDLAKDVITKFLFNGVNELGNKTFLDYFPEYRCEDGKVNEKRSMIGKSFENRPWNARGEFIGDRVEIV
;
_entity_poly.pdbx_strand_id   A
#
loop_
_chem_comp.id
_chem_comp.type
_chem_comp.name
_chem_comp.formula
BLA non-polymer 'BILIVERDINE IX ALPHA' 'C33 H34 N4 O6'
CL non-polymer 'CHLORIDE ION' 'Cl -1'
MG non-polymer 'MAGNESIUM ION' 'Mg 2'
#
# COMPACT_ATOMS: atom_id res chain seq x y z
N VAL A 31 -17.05 -9.47 -6.74
CA VAL A 31 -16.48 -10.22 -5.61
C VAL A 31 -16.61 -9.44 -4.32
N SER A 32 -16.35 -10.10 -3.21
CA SER A 32 -16.41 -9.48 -1.89
C SER A 32 -15.01 -9.46 -1.31
N TYR A 33 -14.41 -8.28 -1.25
CA TYR A 33 -13.08 -8.17 -0.66
C TYR A 33 -13.07 -8.39 0.85
N LYS A 34 -14.23 -8.34 1.51
CA LYS A 34 -14.30 -8.72 2.92
C LYS A 34 -13.75 -10.13 3.14
N LYS A 35 -13.99 -11.04 2.18
CA LYS A 35 -13.43 -12.37 2.26
C LYS A 35 -11.92 -12.33 2.46
N LEU A 36 -11.25 -11.38 1.81
CA LEU A 36 -9.80 -11.32 1.87
C LEU A 36 -9.33 -10.74 3.20
N ILE A 37 -10.07 -9.78 3.74
CA ILE A 37 -9.75 -9.27 5.07
C ILE A 37 -9.85 -10.40 6.10
N HIS A 38 -10.93 -11.17 6.04
CA HIS A 38 -11.10 -12.30 6.95
C HIS A 38 -9.95 -13.29 6.81
N PHE A 39 -9.58 -13.61 5.57
CA PHE A 39 -8.44 -14.48 5.34
C PHE A 39 -7.19 -13.93 6.02
N ALA A 40 -6.94 -12.62 5.88
CA ALA A 40 -5.67 -12.07 6.33
C ALA A 40 -5.60 -12.02 7.84
N LEU A 41 -6.71 -11.66 8.49
CA LEU A 41 -6.71 -11.61 9.95
C LEU A 41 -6.54 -12.99 10.54
N GLU A 42 -7.22 -14.00 9.97
CA GLU A 42 -7.05 -15.38 10.45
C GLU A 42 -5.62 -15.86 10.29
N GLU A 43 -5.02 -15.63 9.11
CA GLU A 43 -3.64 -16.06 8.87
C GLU A 43 -2.69 -15.35 9.83
N THR A 44 -2.88 -14.04 10.05
CA THR A 44 -2.00 -13.31 10.96
C THR A 44 -2.03 -13.92 12.35
N ASN A 45 -3.21 -14.33 12.83
CA ASN A 45 -3.32 -14.91 14.16
C ASN A 45 -2.76 -16.33 14.24
N THR A 46 -2.25 -16.93 13.17
CA THR A 46 -1.47 -18.14 13.34
C THR A 46 0.03 -17.86 13.41
N HIS A 47 0.45 -16.62 13.15
CA HIS A 47 1.83 -16.18 13.24
C HIS A 47 2.12 -15.31 14.44
N THR A 48 1.09 -14.71 15.04
CA THR A 48 1.24 -13.83 16.20
C THR A 48 -0.16 -13.71 16.80
N LEU A 49 -0.34 -12.74 17.70
CA LEU A 49 -1.66 -12.45 18.24
C LEU A 49 -1.95 -10.97 18.01
N LEU A 50 -2.97 -10.70 17.21
CA LEU A 50 -3.38 -9.33 16.98
C LEU A 50 -4.10 -8.77 18.21
N SER A 51 -3.90 -7.49 18.45
CA SER A 51 -4.66 -6.79 19.47
C SER A 51 -5.38 -5.61 18.82
N PRO A 52 -6.48 -5.16 19.41
CA PRO A 52 -7.22 -4.05 18.79
C PRO A 52 -6.39 -2.77 18.80
N SER A 53 -6.43 -2.04 17.68
CA SER A 53 -5.87 -0.69 17.68
C SER A 53 -6.80 0.27 18.39
N PRO A 54 -6.26 1.28 19.09
CA PRO A 54 -7.11 2.37 19.61
C PRO A 54 -7.90 3.07 18.51
N LEU A 55 -7.48 2.97 17.26
CA LEU A 55 -8.23 3.61 16.18
C LEU A 55 -9.63 3.02 16.03
N GLN A 56 -9.86 1.80 16.51
CA GLN A 56 -11.17 1.20 16.31
CA GLN A 56 -11.17 1.15 16.39
C GLN A 56 -12.29 1.99 16.99
N GLU A 57 -11.96 2.79 18.01
CA GLU A 57 -12.96 3.61 18.69
C GLU A 57 -13.26 4.90 17.96
N LYS A 58 -12.46 5.27 16.95
CA LYS A 58 -12.70 6.47 16.17
C LYS A 58 -12.98 6.21 14.70
N TYR A 59 -12.65 5.02 14.18
CA TYR A 59 -12.83 4.69 12.76
C TYR A 59 -13.38 3.27 12.67
N SER A 60 -14.68 3.14 12.40
CA SER A 60 -15.26 1.81 12.28
C SER A 60 -16.24 1.74 11.11
N SER A 61 -17.22 2.65 11.10
CA SER A 61 -18.24 2.66 10.07
C SER A 61 -18.60 4.10 9.73
N LEU A 62 -18.74 4.37 8.43
CA LEU A 62 -19.02 5.72 7.97
C LEU A 62 -19.88 5.62 6.72
N LEU A 63 -21.01 6.32 6.69
CA LEU A 63 -21.82 6.37 5.48
C LEU A 63 -21.39 7.54 4.61
N SER A 64 -21.50 7.36 3.30
CA SER A 64 -21.33 8.46 2.38
C SER A 64 -22.41 9.52 2.63
N MET A 65 -22.17 10.74 2.11
CA MET A 65 -23.09 11.84 2.33
C MET A 65 -24.48 11.56 1.75
N ASP A 66 -24.58 10.81 0.66
CA ASP A 66 -25.89 10.47 0.10
C ASP A 66 -26.46 9.18 0.69
N ASP A 67 -25.80 8.62 1.71
CA ASP A 67 -26.25 7.47 2.48
C ASP A 67 -26.30 6.16 1.70
N LYS A 68 -25.81 6.13 0.46
CA LYS A 68 -25.89 4.91 -0.36
C LYS A 68 -24.64 4.04 -0.28
N THR A 69 -23.56 4.49 0.32
CA THR A 69 -22.32 3.74 0.35
C THR A 69 -21.77 3.69 1.76
N GLU A 70 -21.33 2.51 2.19
CA GLU A 70 -20.78 2.34 3.53
C GLU A 70 -19.28 2.08 3.45
N LEU A 71 -18.53 2.79 4.28
CA LEU A 71 -17.10 2.57 4.44
C LEU A 71 -16.92 1.81 5.75
N GLN A 72 -16.26 0.66 5.68
CA GLN A 72 -16.03 -0.18 6.85
C GLN A 72 -14.53 -0.20 7.14
N MET A 73 -14.18 0.07 8.41
CA MET A 73 -12.78 0.19 8.79
C MET A 73 -12.45 -0.70 9.98
N LEU A 74 -11.30 -1.36 9.90
CA LEU A 74 -10.82 -2.23 10.97
C LEU A 74 -9.36 -1.90 11.24
N SER A 75 -8.92 -2.07 12.48
CA SER A 75 -7.51 -1.78 12.77
C SER A 75 -7.02 -2.65 13.92
N PHE A 76 -5.75 -3.04 13.83
CA PHE A 76 -5.14 -3.94 14.79
C PHE A 76 -3.66 -3.58 14.92
N GLU A 77 -3.04 -4.13 15.95
CA GLU A 77 -1.59 -4.10 16.06
C GLU A 77 -1.12 -5.45 16.57
N ALA A 78 0.20 -5.64 16.57
CA ALA A 78 0.84 -6.87 17.05
C ALA A 78 2.25 -6.50 17.48
N HIS A 79 2.99 -7.50 17.99
CA HIS A 79 4.30 -7.19 18.57
C HIS A 79 5.22 -6.49 17.57
N LYS A 80 5.22 -6.94 16.31
CA LYS A 80 6.07 -6.33 15.29
C LYS A 80 5.33 -5.38 14.37
N ILE A 81 4.00 -5.28 14.49
CA ILE A 81 3.17 -4.52 13.55
C ILE A 81 2.67 -3.29 14.28
N ARG A 82 3.11 -2.12 13.83
CA ARG A 82 2.59 -0.86 14.36
C ARG A 82 1.09 -0.72 14.07
N LEU A 83 0.66 -1.07 12.86
CA LEU A 83 -0.72 -0.86 12.46
C LEU A 83 -1.06 -1.79 11.31
N LEU A 84 -2.09 -2.60 11.50
CA LEU A 84 -2.71 -3.37 10.42
C LEU A 84 -4.11 -2.81 10.28
N ARG A 85 -4.44 -2.28 9.10
CA ARG A 85 -5.71 -1.59 8.96
C ARG A 85 -6.32 -1.84 7.58
N SER A 86 -7.64 -1.89 7.55
CA SER A 86 -8.38 -2.10 6.30
C SER A 86 -9.50 -1.09 6.17
N LEU A 87 -9.72 -0.65 4.95
CA LEU A 87 -10.90 0.11 4.56
C LEU A 87 -11.56 -0.70 3.45
N CYS A 88 -12.85 -0.99 3.62
CA CYS A 88 -13.59 -1.76 2.65
C CYS A 88 -14.85 -0.99 2.27
N ILE A 89 -15.06 -0.79 0.99
CA ILE A 89 -16.17 0.03 0.50
C ILE A 89 -16.98 -0.82 -0.46
N GLU A 90 -18.29 -0.89 -0.22
CA GLU A 90 -19.21 -1.60 -1.10
C GLU A 90 -20.33 -0.64 -1.46
N GLY A 91 -20.49 -0.39 -2.75
CA GLY A 91 -21.53 0.50 -3.23
C GLY A 91 -22.67 -0.31 -3.83
N SER A 92 -23.87 0.28 -3.81
CA SER A 92 -25.00 -0.32 -4.49
C SER A 92 -24.91 -0.20 -6.01
N ASP A 93 -23.84 0.41 -6.51
CA ASP A 93 -23.63 0.67 -7.92
C ASP A 93 -22.66 -0.30 -8.59
N GLY A 94 -22.04 -1.19 -7.83
CA GLY A 94 -21.00 -2.06 -8.35
C GLY A 94 -19.60 -1.72 -7.87
N MET A 95 -19.41 -0.56 -7.25
CA MET A 95 -18.10 -0.19 -6.74
C MET A 95 -17.73 -1.07 -5.55
N GLN A 96 -16.53 -1.65 -5.61
CA GLN A 96 -15.96 -2.38 -4.49
C GLN A 96 -14.50 -1.93 -4.33
N VAL A 97 -14.12 -1.54 -3.12
CA VAL A 97 -12.79 -1.03 -2.85
C VAL A 97 -12.20 -1.75 -1.65
N LEU A 98 -10.91 -2.10 -1.74
CA LEU A 98 -10.12 -2.58 -0.62
C LEU A 98 -8.84 -1.77 -0.52
N ASP A 99 -8.58 -1.22 0.65
CA ASP A 99 -7.26 -0.70 1.02
C ASP A 99 -6.86 -1.41 2.31
N PHE A 100 -5.89 -2.31 2.19
CA PHE A 100 -5.40 -3.15 3.27
C PHE A 100 -3.89 -2.98 3.34
N ALA A 101 -3.37 -2.61 4.52
CA ALA A 101 -1.94 -2.39 4.67
C ALA A 101 -1.46 -2.86 6.05
N ALA A 102 -0.20 -3.29 6.09
CA ALA A 102 0.49 -3.63 7.33
C ALA A 102 1.72 -2.75 7.44
N PHE A 103 1.76 -1.93 8.49
CA PHE A 103 2.88 -1.04 8.77
C PHE A 103 3.69 -1.62 9.93
N PRO A 104 4.98 -1.87 9.76
CA PRO A 104 5.78 -2.41 10.87
C PRO A 104 6.19 -1.33 11.87
N LYS A 105 6.49 -1.79 13.09
CA LYS A 105 7.16 -0.92 14.03
C LYS A 105 8.56 -0.62 13.51
N PRO A 106 9.09 0.58 13.78
CA PRO A 106 10.38 0.96 13.18
C PRO A 106 11.55 0.05 13.58
N GLU A 107 11.43 -0.72 14.66
CA GLU A 107 12.47 -1.68 15.00
C GLU A 107 12.57 -2.85 14.02
N PHE A 108 11.52 -3.10 13.24
CA PHE A 108 11.47 -4.23 12.31
C PHE A 108 11.41 -3.69 10.89
N ASP A 109 12.53 -3.76 10.17
CA ASP A 109 12.63 -3.10 8.87
C ASP A 109 11.91 -3.86 7.74
N LEU A 110 10.79 -4.50 8.07
CA LEU A 110 10.00 -5.26 7.10
C LEU A 110 9.48 -4.38 5.98
N PRO A 111 9.25 -4.96 4.81
CA PRO A 111 8.44 -4.26 3.80
C PRO A 111 7.04 -3.98 4.33
N ILE A 112 6.43 -2.95 3.75
CA ILE A 112 5.03 -2.61 4.04
C ILE A 112 4.13 -3.41 3.10
N PHE A 113 3.24 -4.23 3.67
CA PHE A 113 2.29 -4.95 2.84
C PHE A 113 1.23 -3.98 2.36
N CYS A 114 0.90 -4.06 1.07
CA CYS A 114 0.06 -3.07 0.41
C CYS A 114 -0.88 -3.75 -0.57
N ALA A 115 -2.18 -3.61 -0.35
CA ALA A 115 -3.20 -4.10 -1.30
C ALA A 115 -4.23 -2.99 -1.49
N ASN A 116 -4.29 -2.47 -2.73
CA ASN A 116 -5.19 -1.37 -3.08
C ASN A 116 -5.96 -1.79 -4.33
N PHE A 117 -7.20 -2.23 -4.13
CA PHE A 117 -8.02 -2.75 -5.22
C PHE A 117 -9.19 -1.80 -5.46
N PHE A 118 -9.28 -1.25 -6.67
CA PHE A 118 -10.41 -0.42 -7.04
C PHE A 118 -11.20 -1.09 -8.15
N THR A 119 -12.43 -1.50 -7.83
CA THR A 119 -13.26 -2.30 -8.72
C THR A 119 -14.59 -1.61 -8.99
N THR A 120 -15.02 -1.68 -10.23
CA THR A 120 -16.36 -1.27 -10.65
C THR A 120 -17.03 -2.46 -11.33
N ALA A 121 -18.21 -2.22 -11.90
CA ALA A 121 -18.95 -3.30 -12.53
C ALA A 121 -18.12 -4.00 -13.60
N LYS A 122 -17.22 -3.28 -14.26
CA LYS A 122 -16.51 -3.85 -15.38
C LYS A 122 -15.00 -3.76 -15.29
N MET A 123 -14.45 -2.91 -14.44
CA MET A 123 -13.04 -2.58 -14.49
C MET A 123 -12.40 -2.78 -13.13
N ASN A 124 -11.12 -3.13 -13.15
CA ASN A 124 -10.33 -3.35 -11.94
C ASN A 124 -8.99 -2.65 -12.10
N ILE A 125 -8.60 -1.86 -11.10
CA ILE A 125 -7.34 -1.13 -11.09
C ILE A 125 -6.66 -1.50 -9.76
N ILE A 126 -5.52 -2.18 -9.87
CA ILE A 126 -5.01 -3.04 -8.79
C ILE A 126 -3.54 -2.73 -8.53
N VAL A 127 -3.19 -2.49 -7.27
CA VAL A 127 -1.80 -2.54 -6.81
C VAL A 127 -1.72 -3.52 -5.64
N LEU A 128 -0.83 -4.51 -5.76
CA LEU A 128 -0.56 -5.48 -4.72
C LEU A 128 0.95 -5.63 -4.58
N ASP A 129 1.50 -5.38 -3.39
CA ASP A 129 2.95 -5.36 -3.28
C ASP A 129 3.41 -5.53 -1.84
N LEU A 130 4.67 -5.92 -1.72
CA LEU A 130 5.43 -5.79 -0.46
C LEU A 130 6.34 -4.57 -0.69
N ASN A 131 5.83 -3.36 -0.36
CA ASN A 131 6.56 -2.12 -0.67
C ASN A 131 7.86 -2.09 0.14
N PRO A 132 9.02 -1.86 -0.49
CA PRO A 132 10.26 -1.81 0.29
C PRO A 132 10.30 -0.62 1.23
N LEU A 133 10.77 -0.87 2.45
CA LEU A 133 10.94 0.24 3.39
C LEU A 133 12.06 1.18 2.93
N HIS A 134 13.14 0.60 2.42
CA HIS A 134 14.33 1.34 2.04
C HIS A 134 14.57 1.20 0.53
N ASP A 135 15.36 2.11 -0.01
CA ASP A 135 15.53 2.19 -1.46
C ASP A 135 16.20 0.93 -2.00
N ILE A 136 15.60 0.36 -3.04
CA ILE A 136 16.12 -0.83 -3.71
C ILE A 136 16.65 -0.51 -5.09
N MET A 137 16.77 0.76 -5.45
CA MET A 137 17.21 1.16 -6.79
C MET A 137 18.71 1.33 -6.87
N ASP A 138 19.29 2.13 -5.96
CA ASP A 138 20.72 2.42 -6.00
C ASP A 138 21.55 1.39 -5.24
N GLN A 139 21.09 0.98 -4.05
CA GLN A 139 21.81 0.04 -3.21
C GLN A 139 21.19 -1.35 -3.30
N GLU A 140 21.98 -2.37 -2.93
CA GLU A 140 21.60 -3.75 -3.14
C GLU A 140 21.25 -4.52 -1.87
N ASP A 141 21.70 -4.07 -0.69
CA ASP A 141 21.61 -4.91 0.51
C ASP A 141 20.15 -5.24 0.86
N TYR A 142 19.29 -4.21 0.97
CA TYR A 142 17.91 -4.43 1.36
C TYR A 142 17.16 -5.27 0.33
N LYS A 143 17.42 -5.05 -0.95
CA LYS A 143 16.73 -5.79 -2.00
C LYS A 143 17.05 -7.28 -1.92
N GLU A 144 18.33 -7.62 -1.70
CA GLU A 144 18.70 -9.03 -1.55
C GLU A 144 18.14 -9.61 -0.26
N LYS A 145 18.14 -8.82 0.81
CA LYS A 145 17.65 -9.29 2.11
C LYS A 145 16.21 -9.80 2.02
N TYR A 146 15.37 -9.14 1.22
CA TYR A 146 13.95 -9.40 1.29
C TYR A 146 13.32 -9.97 0.03
N TYR A 147 13.91 -9.77 -1.14
CA TYR A 147 13.23 -10.16 -2.38
C TYR A 147 13.94 -11.25 -3.15
N LYS A 148 15.16 -11.64 -2.75
CA LYS A 148 15.90 -12.65 -3.51
C LYS A 148 15.08 -13.92 -3.69
N ASP A 149 14.38 -14.35 -2.64
CA ASP A 149 13.65 -15.60 -2.63
C ASP A 149 12.19 -15.46 -3.07
N LEU A 150 11.76 -14.24 -3.43
CA LEU A 150 10.41 -13.98 -3.88
C LEU A 150 10.28 -13.68 -5.37
N ILE A 151 11.40 -13.69 -6.12
CA ILE A 151 11.34 -13.40 -7.55
C ILE A 151 10.42 -14.40 -8.26
N THR A 152 10.48 -15.68 -7.90
CA THR A 152 9.61 -16.66 -8.55
CA THR A 152 9.61 -16.62 -8.59
C THR A 152 8.14 -16.39 -8.26
N LEU A 153 7.82 -15.91 -7.06
CA LEU A 153 6.44 -15.53 -6.76
C LEU A 153 5.98 -14.38 -7.68
N GLY A 154 6.79 -13.33 -7.80
CA GLY A 154 6.43 -12.25 -8.69
C GLY A 154 6.30 -12.70 -10.13
N LEU A 155 7.12 -13.66 -10.56
CA LEU A 155 7.05 -14.15 -11.93
C LEU A 155 5.76 -14.91 -12.16
N LYS A 156 5.29 -15.66 -11.16
CA LYS A 156 4.06 -16.43 -11.29
C LYS A 156 2.88 -15.55 -11.66
N TYR A 157 2.73 -14.41 -10.99
CA TYR A 157 1.55 -13.59 -11.19
C TYR A 157 1.73 -12.51 -12.24
N SER A 158 2.97 -12.10 -12.51
CA SER A 158 3.20 -11.16 -13.60
C SER A 158 2.74 -11.74 -14.93
N LYS A 159 2.74 -13.06 -15.07
CA LYS A 159 2.23 -13.68 -16.28
C LYS A 159 0.70 -13.64 -16.35
N LEU A 160 0.05 -13.82 -15.20
CA LEU A 160 -1.40 -13.94 -15.13
C LEU A 160 -2.12 -12.60 -15.00
N LEU A 161 -1.47 -11.60 -14.42
CA LEU A 161 -2.02 -10.27 -14.17
C LEU A 161 -1.07 -9.27 -14.82
N PRO A 162 -1.33 -8.89 -16.08
CA PRO A 162 -0.32 -8.15 -16.86
C PRO A 162 -0.10 -6.73 -16.37
N TRP A 163 1.10 -6.23 -16.66
CA TRP A 163 1.48 -4.85 -16.34
C TRP A 163 0.37 -3.87 -16.74
N GLY A 164 0.01 -2.99 -15.81
CA GLY A 164 -1.09 -2.06 -16.00
C GLY A 164 -0.81 -0.93 -17.00
N GLY A 165 0.43 -0.75 -17.41
CA GLY A 165 0.78 0.32 -18.35
C GLY A 165 1.42 1.50 -17.65
N LYS A 166 1.46 2.63 -18.36
CA LYS A 166 2.10 3.83 -17.84
C LYS A 166 1.45 4.27 -16.53
N LEU A 167 2.29 4.74 -15.60
CA LEU A 167 1.80 5.15 -14.29
C LEU A 167 2.69 6.27 -13.75
N THR A 168 2.16 7.01 -12.77
CA THR A 168 2.90 8.06 -12.08
C THR A 168 4.34 7.62 -11.80
N SER A 169 5.34 8.36 -12.35
CA SER A 169 6.71 7.87 -12.27
C SER A 169 7.22 7.83 -10.83
N GLU A 170 6.80 8.80 -10.00
CA GLU A 170 7.22 8.84 -8.61
C GLU A 170 6.72 7.63 -7.81
N SER A 171 5.66 6.95 -8.29
CA SER A 171 5.16 5.78 -7.58
C SER A 171 6.16 4.63 -7.59
N LEU A 172 7.00 4.54 -8.65
CA LEU A 172 7.97 3.45 -8.73
C LEU A 172 9.00 3.51 -7.61
N ARG A 173 9.28 4.71 -7.09
CA ARG A 173 10.18 4.87 -5.94
CA ARG A 173 10.21 4.81 -5.97
C ARG A 173 9.78 3.93 -4.80
N PHE A 174 8.51 3.56 -4.72
CA PHE A 174 7.96 2.82 -3.59
C PHE A 174 7.59 1.37 -3.90
N PHE A 175 7.79 0.90 -5.13
CA PHE A 175 7.37 -0.44 -5.50
C PHE A 175 8.54 -1.41 -5.48
N SER A 176 8.26 -2.67 -5.19
CA SER A 176 9.25 -3.73 -5.17
C SER A 176 9.32 -4.41 -6.53
N PRO A 177 10.34 -5.25 -6.77
CA PRO A 177 10.40 -5.97 -8.05
C PRO A 177 9.31 -7.02 -8.25
N ILE A 178 8.51 -7.34 -7.23
CA ILE A 178 7.43 -8.29 -7.41
C ILE A 178 6.06 -7.59 -7.43
N VAL A 179 6.04 -6.26 -7.58
CA VAL A 179 4.77 -5.53 -7.55
C VAL A 179 3.83 -6.07 -8.62
N ILE A 180 2.57 -6.21 -8.25
CA ILE A 180 1.49 -6.45 -9.20
C ILE A 180 0.78 -5.12 -9.38
N TRP A 181 1.00 -4.50 -10.55
CA TRP A 181 0.30 -3.30 -10.96
C TRP A 181 -0.44 -3.71 -12.23
N THR A 182 -1.78 -3.71 -12.18
CA THR A 182 -2.54 -4.31 -13.27
C THR A 182 -3.90 -3.64 -13.39
N ARG A 183 -4.44 -3.70 -14.60
CA ARG A 183 -5.80 -3.33 -14.92
C ARG A 183 -6.42 -4.50 -15.65
N PHE A 184 -7.67 -4.84 -15.32
CA PHE A 184 -8.32 -5.92 -16.06
C PHE A 184 -9.84 -5.79 -15.92
N SER A 185 -10.54 -6.33 -16.91
CA SER A 185 -11.99 -6.38 -16.89
C SER A 185 -12.48 -7.49 -15.96
N SER A 186 -13.64 -7.25 -15.34
CA SER A 186 -14.12 -8.17 -14.33
C SER A 186 -14.56 -9.47 -14.95
N SER A 187 -14.16 -10.58 -14.33
CA SER A 187 -14.63 -11.91 -14.71
C SER A 187 -14.37 -12.83 -13.53
N PRO A 188 -15.08 -13.96 -13.46
CA PRO A 188 -14.77 -14.93 -12.39
C PRO A 188 -13.32 -15.38 -12.40
N HIS A 189 -12.74 -15.62 -13.57
CA HIS A 189 -11.35 -16.07 -13.62
C HIS A 189 -10.40 -15.00 -13.08
N ASN A 190 -10.54 -13.76 -13.56
CA ASN A 190 -9.62 -12.71 -13.14
C ASN A 190 -9.72 -12.46 -11.64
N HIS A 191 -10.94 -12.46 -11.10
CA HIS A 191 -11.05 -12.22 -9.65
C HIS A 191 -10.53 -13.42 -8.85
N SER A 192 -10.70 -14.63 -9.37
CA SER A 192 -10.11 -15.80 -8.73
C SER A 192 -8.58 -15.68 -8.69
N VAL A 193 -7.98 -15.23 -9.79
CA VAL A 193 -6.53 -15.04 -9.81
C VAL A 193 -6.11 -13.96 -8.81
N LEU A 194 -6.86 -12.86 -8.77
CA LEU A 194 -6.54 -11.78 -7.83
C LEU A 194 -6.58 -12.26 -6.39
N PHE A 195 -7.60 -13.05 -6.05
CA PHE A 195 -7.69 -13.59 -4.69
C PHE A 195 -6.49 -14.48 -4.39
N SER A 196 -6.13 -15.37 -5.31
CA SER A 196 -4.97 -16.25 -5.09
C SER A 196 -3.69 -15.45 -4.89
N ALA A 197 -3.53 -14.35 -5.64
CA ALA A 197 -2.35 -13.50 -5.52
C ALA A 197 -2.30 -12.81 -4.16
N PHE A 198 -3.42 -12.21 -3.72
CA PHE A 198 -3.47 -11.59 -2.41
C PHE A 198 -3.03 -12.56 -1.33
N LYS A 199 -3.55 -13.79 -1.37
CA LYS A 199 -3.26 -14.78 -0.33
C LYS A 199 -1.79 -15.21 -0.38
N ASP A 200 -1.29 -15.50 -1.59
CA ASP A 200 0.12 -15.87 -1.75
C ASP A 200 1.06 -14.76 -1.29
N TYR A 201 0.77 -13.51 -1.68
CA TYR A 201 1.60 -12.38 -1.29
C TYR A 201 1.51 -12.11 0.21
N TYR A 202 0.31 -12.24 0.80
CA TYR A 202 0.21 -11.98 2.23
C TYR A 202 0.90 -13.07 3.05
N GLN A 203 0.82 -14.33 2.59
CA GLN A 203 1.53 -15.40 3.29
C GLN A 203 3.04 -15.22 3.17
N ALA A 204 3.52 -14.77 2.01
CA ALA A 204 4.94 -14.45 1.86
C ALA A 204 5.37 -13.39 2.86
N TRP A 205 4.54 -12.34 3.03
CA TRP A 205 4.87 -11.26 3.95
C TRP A 205 4.89 -11.76 5.39
N LEU A 206 3.93 -12.62 5.76
CA LEU A 206 3.94 -13.20 7.10
C LEU A 206 5.19 -14.05 7.34
N GLY A 207 5.69 -14.72 6.29
CA GLY A 207 6.93 -15.46 6.43
C GLY A 207 8.13 -14.56 6.64
N LEU A 208 8.13 -13.37 6.01
CA LEU A 208 9.14 -12.36 6.31
C LEU A 208 9.02 -11.88 7.75
N MET A 209 7.79 -11.64 8.21
CA MET A 209 7.58 -11.23 9.60
C MET A 209 8.17 -12.24 10.58
N ASP A 210 7.96 -13.54 10.34
CA ASP A 210 8.53 -14.58 11.21
C ASP A 210 10.01 -14.37 11.44
N ARG A 211 10.74 -14.01 10.38
CA ARG A 211 12.20 -13.93 10.39
C ARG A 211 12.72 -12.55 10.78
N SER A 212 11.82 -11.58 11.04
CA SER A 212 12.24 -10.22 11.35
C SER A 212 12.73 -10.14 12.78
N GLU A 213 14.00 -9.81 12.96
CA GLU A 213 14.56 -9.59 14.28
C GLU A 213 14.63 -8.10 14.55
N GLY A 214 14.42 -7.72 15.80
CA GLY A 214 14.35 -6.31 16.12
C GLY A 214 15.72 -5.64 16.03
N GLU A 215 15.71 -4.43 15.49
CA GLU A 215 16.92 -3.60 15.44
C GLU A 215 17.26 -3.09 16.83
N THR A 216 18.54 -3.13 17.19
CA THR A 216 18.97 -2.60 18.48
C THR A 216 19.70 -1.26 18.38
N ASP A 217 20.21 -0.91 17.19
CA ASP A 217 20.95 0.34 17.02
C ASP A 217 19.98 1.51 16.88
N ALA A 218 20.15 2.53 17.73
CA ALA A 218 19.20 3.64 17.78
C ALA A 218 19.18 4.44 16.47
N SER A 219 20.35 4.66 15.87
CA SER A 219 20.38 5.42 14.62
C SER A 219 19.63 4.69 13.52
N GLN A 220 19.79 3.37 13.46
CA GLN A 220 19.11 2.59 12.43
C GLN A 220 17.59 2.62 12.63
N ILE A 221 17.14 2.57 13.89
CA ILE A 221 15.70 2.67 14.14
C ILE A 221 15.18 4.02 13.66
N ALA A 222 15.94 5.09 13.90
CA ALA A 222 15.54 6.41 13.41
C ALA A 222 15.50 6.43 11.88
N CYS A 223 16.47 5.80 11.23
CA CYS A 223 16.45 5.74 9.77
CA CYS A 223 16.44 5.75 9.77
C CYS A 223 15.22 4.99 9.27
N ASN A 224 14.91 3.84 9.90
CA ASN A 224 13.72 3.09 9.51
C ASN A 224 12.46 3.91 9.73
N CYS A 225 12.44 4.73 10.78
CA CYS A 225 11.26 5.50 11.11
C CYS A 225 11.05 6.62 10.10
N GLU A 226 12.13 7.31 9.71
CA GLU A 226 12.03 8.35 8.70
C GLU A 226 11.59 7.77 7.37
N ALA A 227 12.13 6.60 6.99
CA ALA A 227 11.71 5.95 5.75
C ALA A 227 10.21 5.67 5.74
N GLN A 228 9.67 5.18 6.86
CA GLN A 228 8.22 4.96 6.95
C GLN A 228 7.46 6.28 6.91
N HIS A 229 7.94 7.29 7.64
CA HIS A 229 7.24 8.59 7.66
C HIS A 229 7.20 9.21 6.26
N ARG A 230 8.31 9.13 5.53
CA ARG A 230 8.34 9.61 4.15
C ARG A 230 7.32 8.90 3.28
N TYR A 231 7.22 7.58 3.43
CA TYR A 231 6.24 6.79 2.69
C TYR A 231 4.81 7.21 3.03
N LEU A 232 4.50 7.34 4.33
CA LEU A 232 3.16 7.78 4.72
C LEU A 232 2.88 9.19 4.21
N THR A 233 3.90 10.03 4.21
CA THR A 233 3.70 11.41 3.77
C THR A 233 3.37 11.47 2.29
N TRP A 234 4.12 10.70 1.48
CA TRP A 234 3.82 10.62 0.04
C TRP A 234 2.38 10.18 -0.19
N ARG A 235 2.00 9.03 0.40
CA ARG A 235 0.69 8.46 0.13
C ARG A 235 -0.43 9.33 0.68
N SER A 236 -0.24 9.94 1.86
CA SER A 236 -1.34 10.75 2.36
C SER A 236 -1.56 11.99 1.50
N GLU A 237 -0.55 12.44 0.76
CA GLU A 237 -0.71 13.58 -0.14
C GLU A 237 -1.22 13.19 -1.53
N LYS A 238 -0.77 12.07 -2.08
CA LYS A 238 -0.90 11.80 -3.52
C LYS A 238 -1.57 10.48 -3.91
N ASP A 239 -2.00 9.63 -2.96
CA ASP A 239 -2.60 8.35 -3.35
C ASP A 239 -3.80 8.61 -4.27
N PRO A 240 -3.94 7.85 -5.35
CA PRO A 240 -5.05 8.13 -6.30
C PRO A 240 -6.45 8.02 -5.70
N GLY A 241 -6.64 7.26 -4.62
CA GLY A 241 -8.01 7.08 -4.13
C GLY A 241 -8.61 8.29 -3.42
N HIS A 242 -7.83 9.34 -3.17
CA HIS A 242 -8.31 10.43 -2.32
C HIS A 242 -9.49 11.15 -2.94
N GLY A 243 -9.51 11.26 -4.28
CA GLY A 243 -10.64 11.91 -4.93
C GLY A 243 -11.94 11.17 -4.73
N VAL A 244 -11.90 9.84 -4.76
CA VAL A 244 -13.11 9.06 -4.53
C VAL A 244 -13.59 9.25 -3.09
N LEU A 245 -12.65 9.18 -2.12
CA LEU A 245 -13.02 9.40 -0.73
C LEU A 245 -13.66 10.77 -0.54
N LYS A 246 -13.09 11.81 -1.17
CA LYS A 246 -13.64 13.17 -1.02
C LYS A 246 -15.06 13.25 -1.56
N ARG A 247 -15.34 12.56 -2.67
CA ARG A 247 -16.70 12.60 -3.19
CA ARG A 247 -16.69 12.56 -3.22
C ARG A 247 -17.67 11.83 -2.29
N LEU A 248 -17.21 10.77 -1.61
CA LEU A 248 -18.11 9.97 -0.79
C LEU A 248 -18.46 10.69 0.52
N ILE A 249 -17.45 11.15 1.27
CA ILE A 249 -17.70 11.66 2.62
C ILE A 249 -17.32 13.13 2.79
N GLY A 250 -16.93 13.81 1.72
CA GLY A 250 -16.60 15.22 1.78
C GLY A 250 -15.13 15.43 2.11
N GLU A 251 -14.65 16.64 1.80
CA GLU A 251 -13.21 16.90 1.92
C GLU A 251 -12.71 16.80 3.36
N ASP A 252 -13.46 17.36 4.31
CA ASP A 252 -12.99 17.42 5.69
C ASP A 252 -12.82 16.02 6.30
N LEU A 253 -13.86 15.19 6.24
CA LEU A 253 -13.74 13.85 6.80
C LEU A 253 -12.80 12.97 5.99
N ALA A 254 -12.70 13.19 4.67
CA ALA A 254 -11.76 12.41 3.89
C ALA A 254 -10.32 12.69 4.32
N LYS A 255 -9.98 13.97 4.50
CA LYS A 255 -8.63 14.30 4.96
C LYS A 255 -8.35 13.72 6.34
N ASP A 256 -9.38 13.67 7.18
CA ASP A 256 -9.23 13.06 8.51
C ASP A 256 -8.96 11.57 8.39
N VAL A 257 -9.78 10.85 7.60
CA VAL A 257 -9.58 9.41 7.41
C VAL A 257 -8.21 9.12 6.80
N ILE A 258 -7.78 9.96 5.87
CA ILE A 258 -6.53 9.72 5.16
C ILE A 258 -5.34 9.87 6.10
N THR A 259 -5.27 10.97 6.85
CA THR A 259 -4.09 11.27 7.64
C THR A 259 -4.09 10.61 9.01
N LYS A 260 -5.27 10.32 9.57
CA LYS A 260 -5.33 9.75 10.91
C LYS A 260 -5.65 8.27 10.94
N PHE A 261 -6.12 7.70 9.83
CA PHE A 261 -6.41 6.26 9.78
C PHE A 261 -5.57 5.57 8.71
N LEU A 262 -5.81 5.85 7.43
CA LEU A 262 -5.13 5.08 6.38
C LEU A 262 -3.62 5.24 6.47
N PHE A 263 -3.15 6.45 6.72
CA PHE A 263 -1.72 6.70 6.81
C PHE A 263 -1.39 7.29 8.16
N ASN A 264 -2.12 6.79 9.18
CA ASN A 264 -1.79 7.07 10.57
C ASN A 264 -0.29 6.93 10.80
N GLY A 265 0.28 7.91 11.47
CA GLY A 265 1.72 8.03 11.63
C GLY A 265 2.32 9.19 10.86
N VAL A 266 1.63 9.72 9.86
CA VAL A 266 2.14 10.91 9.18
C VAL A 266 2.27 12.06 10.18
N ASN A 267 1.40 12.11 11.20
CA ASN A 267 1.53 13.15 12.21
C ASN A 267 2.58 12.80 13.27
N GLU A 268 2.69 11.52 13.65
CA GLU A 268 3.45 11.17 14.85
C GLU A 268 4.89 10.74 14.59
N LEU A 269 5.20 10.18 13.43
CA LEU A 269 6.50 9.56 13.23
C LEU A 269 7.58 10.54 12.75
N GLY A 270 7.22 11.79 12.50
CA GLY A 270 8.19 12.74 11.96
C GLY A 270 7.57 14.11 11.83
N ASN A 271 8.43 15.11 11.63
CA ASN A 271 8.03 16.51 11.51
C ASN A 271 8.13 17.06 10.09
N LYS A 272 8.86 16.38 9.20
CA LYS A 272 9.02 16.89 7.84
C LYS A 272 7.68 16.89 7.09
N THR A 273 7.50 17.91 6.26
CA THR A 273 6.33 18.03 5.40
C THR A 273 6.55 17.30 4.08
N PHE A 274 5.46 17.13 3.33
CA PHE A 274 5.55 16.62 1.96
C PHE A 274 6.58 17.42 1.16
N LEU A 275 6.56 18.75 1.25
CA LEU A 275 7.53 19.52 0.47
C LEU A 275 8.96 19.40 0.98
N ASP A 276 9.15 19.06 2.26
CA ASP A 276 10.51 18.77 2.74
C ASP A 276 11.07 17.53 2.03
N TYR A 277 10.24 16.51 1.81
CA TYR A 277 10.71 15.29 1.17
C TYR A 277 10.75 15.41 -0.34
N PHE A 278 9.80 16.13 -0.92
CA PHE A 278 9.62 16.19 -2.38
C PHE A 278 9.55 17.66 -2.83
N PRO A 279 10.69 18.37 -2.76
CA PRO A 279 10.67 19.80 -3.08
C PRO A 279 10.36 20.12 -4.54
N GLU A 280 10.38 19.11 -5.43
CA GLU A 280 10.01 19.32 -6.83
C GLU A 280 8.57 19.79 -6.96
N TYR A 281 7.73 19.45 -5.99
CA TYR A 281 6.31 19.79 -5.96
C TYR A 281 6.02 21.18 -5.39
N ARG A 282 7.03 21.94 -5.00
CA ARG A 282 6.78 23.26 -4.42
C ARG A 282 6.39 24.22 -5.55
N CYS A 283 5.19 24.80 -5.45
CA CYS A 283 4.71 25.75 -6.43
C CYS A 283 5.29 27.14 -6.19
N GLU A 284 5.13 28.01 -7.20
CA GLU A 284 5.65 29.37 -7.11
C GLU A 284 5.09 30.11 -5.90
N ASP A 285 3.91 29.72 -5.42
CA ASP A 285 3.31 30.33 -4.25
C ASP A 285 3.59 29.56 -2.96
N GLY A 286 4.42 28.52 -3.01
CA GLY A 286 4.77 27.76 -1.84
C GLY A 286 3.82 26.65 -1.47
N LYS A 287 2.77 26.44 -2.27
CA LYS A 287 1.82 25.35 -2.08
C LYS A 287 2.33 24.09 -2.77
N VAL A 288 1.64 22.99 -2.54
CA VAL A 288 1.95 21.72 -3.19
C VAL A 288 1.32 21.71 -4.59
N ASN A 289 2.14 21.41 -5.60
CA ASN A 289 1.65 21.36 -6.97
C ASN A 289 0.47 20.40 -7.10
N GLU A 290 -0.59 20.85 -7.80
CA GLU A 290 -1.78 20.03 -7.99
C GLU A 290 -1.52 18.77 -8.80
N LYS A 291 -0.45 18.72 -9.59
CA LYS A 291 -0.15 17.52 -10.35
C LYS A 291 0.14 16.36 -9.43
N ARG A 292 -0.39 15.17 -9.77
CA ARG A 292 0.03 13.96 -9.07
C ARG A 292 1.50 13.65 -9.33
N SER A 293 1.96 13.85 -10.57
CA SER A 293 3.29 13.46 -11.00
C SER A 293 3.99 14.67 -11.60
N MET A 294 5.11 15.08 -10.99
CA MET A 294 5.92 16.15 -11.60
C MET A 294 6.65 15.65 -12.84
N ILE A 295 7.04 14.36 -12.85
CA ILE A 295 7.76 13.79 -13.98
C ILE A 295 6.81 13.52 -15.15
N GLY A 296 5.61 13.04 -14.85
CA GLY A 296 4.70 12.48 -15.82
C GLY A 296 4.62 10.96 -15.69
N LYS A 297 3.59 10.38 -16.31
CA LYS A 297 3.41 8.93 -16.29
C LYS A 297 4.39 8.29 -17.26
N SER A 298 5.00 7.18 -16.85
CA SER A 298 5.97 6.50 -17.70
C SER A 298 5.90 5.00 -17.44
N PHE A 299 6.86 4.26 -18.00
CA PHE A 299 7.00 2.81 -17.83
C PHE A 299 5.79 2.08 -18.42
N GLU A 300 5.68 2.18 -19.73
CA GLU A 300 4.63 1.46 -20.45
C GLU A 300 4.82 -0.04 -20.33
N ASN A 301 6.06 -0.50 -20.16
CA ASN A 301 6.32 -1.92 -19.92
C ASN A 301 6.92 -2.10 -18.54
N ARG A 302 6.76 -3.31 -18.00
CA ARG A 302 7.22 -3.63 -16.65
C ARG A 302 8.72 -3.34 -16.54
N PRO A 303 9.15 -2.49 -15.60
CA PRO A 303 10.56 -2.06 -15.59
C PRO A 303 11.51 -2.99 -14.84
N TRP A 304 11.08 -4.22 -14.55
CA TRP A 304 11.94 -5.26 -14.00
C TRP A 304 11.91 -6.47 -14.93
N ASN A 305 13.07 -7.08 -15.14
CA ASN A 305 13.11 -8.28 -15.98
C ASN A 305 12.68 -9.50 -15.17
N ALA A 306 12.75 -10.67 -15.80
CA ALA A 306 12.27 -11.90 -15.17
C ALA A 306 13.07 -12.31 -13.95
N ARG A 307 14.29 -11.80 -13.79
CA ARG A 307 15.10 -12.05 -12.61
CA ARG A 307 15.08 -12.07 -12.61
C ARG A 307 14.95 -10.98 -11.54
N GLY A 308 14.08 -10.00 -11.75
CA GLY A 308 13.85 -8.95 -10.78
C GLY A 308 14.85 -7.81 -10.83
N GLU A 309 15.63 -7.71 -11.90
CA GLU A 309 16.59 -6.62 -12.07
C GLU A 309 15.91 -5.43 -12.76
N PHE A 310 16.15 -4.23 -12.23
CA PHE A 310 15.53 -3.04 -12.78
C PHE A 310 16.14 -2.65 -14.12
N ILE A 311 15.29 -2.47 -15.12
CA ILE A 311 15.71 -2.12 -16.47
C ILE A 311 15.04 -0.87 -17.00
N GLY A 312 14.21 -0.21 -16.19
CA GLY A 312 13.23 0.78 -16.62
C GLY A 312 13.52 1.75 -17.74
N ASP A 313 12.64 1.77 -18.75
CA ASP A 313 12.76 2.67 -19.88
C ASP A 313 11.67 3.73 -19.78
N ARG A 314 10.48 3.48 -20.34
CA ARG A 314 9.40 4.45 -20.40
C ARG A 314 8.12 3.77 -20.89
CHA BLA B . -5.59 4.46 -10.02
NA BLA B . -4.02 3.68 -8.11
C1A BLA B . -4.24 4.09 -9.44
C2A BLA B . -2.94 4.13 -10.11
C3A BLA B . -1.94 3.71 -9.12
C4A BLA B . -2.62 3.45 -7.90
CMA BLA B . -0.43 3.55 -9.30
CAA BLA B . -2.77 4.56 -11.59
CBA BLA B . -2.77 6.06 -11.66
CGA BLA B . -1.31 6.63 -11.51
O1A BLA B . -0.56 6.12 -12.29
O2A BLA B . -1.22 7.46 -10.66
CHB BLA B . -2.05 2.97 -6.55
NB BLA B . 0.02 4.22 -6.29
C1B BLA B . -0.99 3.38 -5.76
C2B BLA B . -0.28 2.79 -4.47
C3B BLA B . 0.89 3.49 -4.21
C4B BLA B . 1.07 4.48 -5.37
CMB BLA B . -1.01 1.80 -3.58
OB BLA B . 1.89 5.37 -5.57
CAB BLA B . 2.03 3.55 -3.21
CBB BLA B . 3.12 4.31 -2.97
NC BLA B . -7.65 3.48 -5.23
C1C BLA B . -7.38 3.00 -3.92
C2C BLA B . -8.64 3.33 -3.10
C3C BLA B . -9.54 3.96 -3.96
C4C BLA B . -8.92 4.08 -5.37
CMC BLA B . -8.66 2.94 -1.62
OC BLA B . -6.30 2.46 -3.74
CAC BLA B . -10.89 4.46 -3.58
CBC BLA B . -11.41 4.99 -2.45
CHD BLA B . -9.29 4.59 -6.59
ND BLA B . -7.16 4.35 -8.04
C1D BLA B . -8.43 4.71 -7.83
C2D BLA B . -9.08 5.29 -9.07
C3D BLA B . -8.12 5.29 -10.06
C4D BLA B . -6.84 4.68 -9.44
CMD BLA B . -10.53 5.75 -9.02
CAD BLA B . -8.15 5.74 -11.53
CBD BLA B . -8.20 7.25 -11.70
CGD BLA B . -6.86 8.01 -11.29
O1D BLA B . -7.09 8.95 -10.55
O2D BLA B . -5.84 7.55 -11.79
MG MG C . -25.84 10.61 6.40
CL CL D . -7.46 5.90 -16.30
#